data_9R8S
#
_entry.id   9R8S
#
_cell.length_a   110.614
_cell.length_b   110.614
_cell.length_c   113.027
_cell.angle_alpha   90.000
_cell.angle_beta   90.000
_cell.angle_gamma   120.000
#
_symmetry.space_group_name_H-M   'P 31 2 1'
#
loop_
_entity.id
_entity.type
_entity.pdbx_description
1 polymer 'SMODS-associated and fused to various effectors domain-containing protein'
2 non-polymer 'PHOSPHATE ION'
3 water water
#
_entity_poly.entity_id   1
_entity_poly.type   'polypeptide(L)'
_entity_poly.pdbx_seq_one_letter_code
;GANAMAHMIGVYITKWGFEVETFKKALPKNTEVKTIAFTGDWIEAVRQFYSTVKEIDGHIHLALNGPSSLAFGCGVIFGS
LKTFSFWHYQNGAYHTIPITNVRALKQRLKQYNYVEPFYEAGGKDLVVMLNYSHHEIKTAVKEYVMNKLRLENPSYLEIS
LKGITGNIPIELMPTVANETSSLLQDVKKHQSFDRFHFFFSCPVPIAFMVGVAFGLYDELVVYNFSGTYEPVLSFKDLKE
VKL
;
_entity_poly.pdbx_strand_id   A,B
#
loop_
_chem_comp.id
_chem_comp.type
_chem_comp.name
_chem_comp.formula
PO4 non-polymer 'PHOSPHATE ION' 'O4 P -3'
#
# COMPACT_ATOMS: atom_id res chain seq x y z
N MET A 8 -9.10 -24.14 -0.58
CA MET A 8 -7.71 -23.63 -0.73
C MET A 8 -7.01 -24.35 -1.87
N ILE A 9 -6.08 -23.63 -2.51
CA ILE A 9 -5.18 -24.25 -3.46
C ILE A 9 -3.74 -23.88 -3.12
N GLY A 10 -2.85 -24.71 -3.65
CA GLY A 10 -1.42 -24.47 -3.64
C GLY A 10 -0.96 -24.04 -5.04
N VAL A 11 0.01 -23.12 -5.05
CA VAL A 11 0.66 -22.73 -6.28
C VAL A 11 2.16 -22.98 -6.11
N TYR A 12 2.72 -23.79 -7.01
CA TYR A 12 4.13 -24.15 -7.00
C TYR A 12 4.84 -23.57 -8.22
N ILE A 13 5.74 -22.61 -7.98
CA ILE A 13 6.51 -21.97 -9.02
C ILE A 13 7.89 -22.63 -9.04
N THR A 14 8.26 -23.25 -10.17
CA THR A 14 9.47 -24.05 -10.19
C THR A 14 10.18 -23.97 -11.55
N LYS A 15 11.51 -23.91 -11.47
CA LYS A 15 12.39 -24.01 -12.62
C LYS A 15 12.36 -25.43 -13.20
N TRP A 16 11.82 -26.40 -12.47
CA TRP A 16 11.72 -27.77 -12.96
C TRP A 16 10.26 -28.15 -13.14
N GLY A 17 9.70 -28.97 -12.23
CA GLY A 17 8.32 -29.39 -12.35
C GLY A 17 8.06 -30.76 -11.72
N PHE A 18 8.99 -31.70 -11.96
CA PHE A 18 8.80 -33.10 -11.61
C PHE A 18 8.69 -33.27 -10.09
N GLU A 19 9.22 -32.32 -9.31
CA GLU A 19 9.45 -32.50 -7.87
C GLU A 19 8.30 -31.96 -7.02
N VAL A 20 7.14 -31.70 -7.63
CA VAL A 20 6.04 -31.02 -6.98
C VAL A 20 5.43 -31.84 -5.83
N GLU A 21 5.58 -33.17 -5.84
CA GLU A 21 4.81 -34.02 -4.94
C GLU A 21 5.15 -33.76 -3.47
N THR A 22 6.38 -33.37 -3.14
CA THR A 22 6.70 -33.14 -1.73
C THR A 22 5.94 -31.92 -1.22
N PHE A 23 5.72 -30.93 -2.09
CA PHE A 23 4.92 -29.77 -1.74
C PHE A 23 3.47 -30.18 -1.50
N LYS A 24 2.89 -30.97 -2.41
CA LYS A 24 1.50 -31.41 -2.26
C LYS A 24 1.34 -32.14 -0.92
N LYS A 25 2.29 -33.02 -0.59
CA LYS A 25 2.20 -33.86 0.59
C LYS A 25 2.24 -33.00 1.86
N ALA A 26 2.89 -31.84 1.80
CA ALA A 26 3.03 -30.99 2.97
C ALA A 26 1.73 -30.23 3.28
N LEU A 27 0.86 -30.09 2.27
CA LEU A 27 -0.33 -29.28 2.42
C LEU A 27 -1.45 -30.10 3.05
N PRO A 28 -2.51 -29.42 3.58
CA PRO A 28 -3.70 -30.12 4.05
C PRO A 28 -4.27 -31.07 3.01
N LYS A 29 -4.95 -32.11 3.51
CA LYS A 29 -5.53 -33.16 2.68
C LYS A 29 -6.43 -32.53 1.61
N ASN A 30 -6.35 -33.07 0.39
CA ASN A 30 -7.19 -32.66 -0.74
C ASN A 30 -6.96 -31.20 -1.11
N THR A 31 -5.72 -30.71 -1.02
CA THR A 31 -5.37 -29.42 -1.60
C THR A 31 -4.86 -29.66 -3.01
N GLU A 32 -5.52 -29.04 -3.99
CA GLU A 32 -5.06 -29.05 -5.37
C GLU A 32 -3.86 -28.12 -5.49
N VAL A 33 -2.90 -28.49 -6.35
CA VAL A 33 -1.71 -27.69 -6.57
C VAL A 33 -1.59 -27.39 -8.06
N LYS A 34 -1.44 -26.10 -8.37
CA LYS A 34 -1.17 -25.64 -9.73
C LYS A 34 0.33 -25.38 -9.85
N THR A 35 0.98 -26.02 -10.82
CA THR A 35 2.40 -25.81 -11.08
C THR A 35 2.55 -24.68 -12.10
N ILE A 36 3.45 -23.74 -11.81
CA ILE A 36 3.87 -22.74 -12.78
C ILE A 36 5.32 -23.02 -13.14
N ALA A 37 5.53 -23.36 -14.42
CA ALA A 37 6.82 -23.79 -14.90
C ALA A 37 7.61 -22.57 -15.36
N PHE A 38 8.72 -22.29 -14.70
CA PHE A 38 9.62 -21.22 -15.08
C PHE A 38 10.72 -21.82 -15.95
N THR A 39 10.96 -21.20 -17.11
CA THR A 39 11.88 -21.75 -18.09
C THR A 39 12.98 -20.75 -18.39
N GLY A 40 13.15 -19.72 -17.54
CA GLY A 40 14.13 -18.67 -17.79
C GLY A 40 13.49 -17.42 -18.41
N ASP A 41 12.16 -17.38 -18.49
CA ASP A 41 11.42 -16.17 -18.86
C ASP A 41 10.66 -15.65 -17.65
N TRP A 42 11.20 -14.60 -17.01
CA TRP A 42 10.67 -14.12 -15.74
C TRP A 42 9.27 -13.56 -15.92
N ILE A 43 9.08 -12.73 -16.95
CA ILE A 43 7.80 -12.04 -17.08
C ILE A 43 6.70 -13.06 -17.39
N GLU A 44 6.99 -14.11 -18.17
CA GLU A 44 5.98 -15.11 -18.48
C GLU A 44 5.54 -15.88 -17.23
N ALA A 45 6.49 -16.20 -16.34
CA ALA A 45 6.17 -16.92 -15.13
C ALA A 45 5.32 -16.05 -14.19
N VAL A 46 5.68 -14.76 -14.10
CA VAL A 46 4.94 -13.81 -13.30
C VAL A 46 3.53 -13.66 -13.87
N ARG A 47 3.40 -13.60 -15.19
CA ARG A 47 2.10 -13.50 -15.85
C ARG A 47 1.23 -14.69 -15.48
N GLN A 48 1.77 -15.91 -15.58
CA GLN A 48 1.00 -17.12 -15.31
C GLN A 48 0.64 -17.18 -13.82
N PHE A 49 1.56 -16.70 -12.96
CA PHE A 49 1.32 -16.65 -11.53
C PHE A 49 0.13 -15.75 -11.25
N TYR A 50 0.16 -14.54 -11.80
CA TYR A 50 -0.89 -13.57 -11.59
C TYR A 50 -2.21 -14.13 -12.09
N SER A 51 -2.19 -14.72 -13.29
CA SER A 51 -3.38 -15.29 -13.89
C SER A 51 -4.00 -16.34 -12.97
N THR A 52 -3.15 -17.14 -12.31
CA THR A 52 -3.62 -18.20 -11.43
C THR A 52 -4.24 -17.62 -10.15
N VAL A 53 -3.60 -16.64 -9.52
CA VAL A 53 -4.01 -16.20 -8.19
C VAL A 53 -5.04 -15.06 -8.28
N LYS A 54 -5.20 -14.49 -9.47
CA LYS A 54 -5.92 -13.24 -9.68
C LYS A 54 -7.30 -13.28 -9.01
N GLU A 55 -8.08 -14.34 -9.27
CA GLU A 55 -9.48 -14.34 -8.85
C GLU A 55 -9.68 -15.15 -7.58
N ILE A 56 -8.57 -15.59 -6.96
CA ILE A 56 -8.65 -16.27 -5.67
C ILE A 56 -8.53 -15.23 -4.56
N ASP A 57 -9.48 -15.29 -3.62
CA ASP A 57 -9.58 -14.34 -2.52
C ASP A 57 -9.12 -14.97 -1.21
N GLY A 58 -9.41 -16.28 -1.04
CA GLY A 58 -9.10 -16.99 0.19
C GLY A 58 -7.60 -17.20 0.38
N HIS A 59 -7.26 -18.07 1.33
CA HIS A 59 -5.89 -18.33 1.72
C HIS A 59 -5.21 -19.14 0.62
N ILE A 60 -3.99 -18.72 0.27
CA ILE A 60 -3.20 -19.39 -0.77
C ILE A 60 -1.96 -20.00 -0.14
N HIS A 61 -1.67 -21.27 -0.47
CA HIS A 61 -0.39 -21.88 -0.14
C HIS A 61 0.58 -21.72 -1.31
N LEU A 62 1.80 -21.25 -1.01
CA LEU A 62 2.81 -20.96 -2.02
C LEU A 62 4.11 -21.69 -1.70
N ALA A 63 4.81 -22.11 -2.75
CA ALA A 63 6.21 -22.53 -2.67
C ALA A 63 6.92 -22.19 -3.97
N LEU A 64 8.24 -22.06 -3.92
CA LEU A 64 9.01 -21.64 -5.07
C LEU A 64 10.37 -22.32 -5.04
N ASN A 65 10.69 -22.97 -6.16
CA ASN A 65 11.99 -23.56 -6.39
C ASN A 65 12.62 -22.82 -7.56
N GLY A 66 13.49 -21.87 -7.26
CA GLY A 66 14.01 -20.99 -8.29
C GLY A 66 14.62 -19.73 -7.70
N PRO A 67 14.97 -18.73 -8.54
CA PRO A 67 15.69 -17.56 -8.08
C PRO A 67 14.86 -16.58 -7.24
N SER A 68 15.53 -15.94 -6.30
CA SER A 68 14.90 -14.98 -5.41
C SER A 68 14.35 -13.80 -6.21
N SER A 69 14.98 -13.46 -7.35
CA SER A 69 14.52 -12.38 -8.20
C SER A 69 13.12 -12.67 -8.74
N LEU A 70 12.85 -13.93 -9.06
CA LEU A 70 11.51 -14.35 -9.49
C LEU A 70 10.53 -14.27 -8.33
N ALA A 71 10.95 -14.74 -7.16
CA ALA A 71 10.14 -14.67 -5.95
C ALA A 71 9.71 -13.22 -5.68
N PHE A 72 10.65 -12.28 -5.84
CA PHE A 72 10.36 -10.88 -5.60
C PHE A 72 9.31 -10.40 -6.61
N GLY A 73 9.49 -10.76 -7.88
CA GLY A 73 8.54 -10.38 -8.92
C GLY A 73 7.14 -10.90 -8.63
N CYS A 74 7.05 -12.17 -8.20
CA CYS A 74 5.76 -12.77 -7.89
C CYS A 74 5.12 -12.04 -6.71
N GLY A 75 5.93 -11.63 -5.73
CA GLY A 75 5.46 -10.87 -4.58
C GLY A 75 4.85 -9.53 -5.00
N VAL A 76 5.55 -8.84 -5.90
CA VAL A 76 5.13 -7.53 -6.36
C VAL A 76 3.74 -7.60 -6.99
N ILE A 77 3.44 -8.60 -7.84
CA ILE A 77 2.12 -8.58 -8.49
C ILE A 77 1.10 -9.34 -7.65
N PHE A 78 1.51 -9.97 -6.54
CA PHE A 78 0.57 -10.70 -5.70
C PHE A 78 -0.42 -9.74 -5.04
N GLY A 79 0.04 -8.51 -4.73
CA GLY A 79 -0.74 -7.55 -3.97
C GLY A 79 -0.71 -7.89 -2.48
N SER A 80 -1.43 -7.10 -1.68
CA SER A 80 -1.39 -7.24 -0.25
C SER A 80 -2.80 -7.32 0.36
N LEU A 81 -3.77 -7.85 -0.40
CA LEU A 81 -5.10 -8.11 0.12
C LEU A 81 -5.27 -9.57 0.52
N LYS A 82 -4.44 -10.47 -0.01
CA LYS A 82 -4.64 -11.90 0.15
C LYS A 82 -3.67 -12.47 1.20
N THR A 83 -4.18 -13.35 2.07
CA THR A 83 -3.33 -14.03 3.04
C THR A 83 -2.69 -15.22 2.35
N PHE A 84 -1.57 -15.69 2.89
CA PHE A 84 -0.85 -16.80 2.28
C PHE A 84 -0.01 -17.50 3.34
N SER A 85 0.26 -18.78 3.05
CA SER A 85 1.31 -19.52 3.73
C SER A 85 2.41 -19.80 2.73
N PHE A 86 3.64 -19.37 3.06
CA PHE A 86 4.78 -19.64 2.22
C PHE A 86 5.51 -20.86 2.79
N TRP A 87 5.63 -21.91 1.97
CA TRP A 87 6.26 -23.14 2.40
C TRP A 87 7.71 -23.12 1.92
N HIS A 88 8.61 -22.93 2.87
CA HIS A 88 10.03 -22.82 2.58
C HIS A 88 10.66 -24.20 2.71
N TYR A 89 11.53 -24.54 1.75
CA TYR A 89 12.21 -25.82 1.78
C TYR A 89 13.58 -25.60 2.42
N GLN A 90 13.81 -26.26 3.56
CA GLN A 90 15.02 -26.03 4.35
C GLN A 90 15.38 -27.32 5.08
N ASN A 91 16.68 -27.63 5.12
CA ASN A 91 17.15 -28.82 5.82
C ASN A 91 16.28 -30.01 5.44
N GLY A 92 16.02 -30.19 4.14
CA GLY A 92 15.44 -31.42 3.62
C GLY A 92 13.92 -31.54 3.76
N ALA A 93 13.22 -30.47 4.17
CA ALA A 93 11.76 -30.56 4.30
C ALA A 93 11.11 -29.18 4.13
N TYR A 94 9.79 -29.20 3.90
CA TYR A 94 8.99 -27.99 3.84
C TYR A 94 8.60 -27.51 5.23
N HIS A 95 8.62 -26.18 5.43
CA HIS A 95 8.19 -25.58 6.67
C HIS A 95 7.31 -24.38 6.36
N THR A 96 6.13 -24.30 6.99
CA THR A 96 5.18 -23.24 6.69
C THR A 96 5.62 -21.93 7.36
N ILE A 97 5.46 -20.84 6.60
CA ILE A 97 5.50 -19.48 7.11
C ILE A 97 4.10 -18.90 6.92
N PRO A 98 3.19 -19.00 7.92
CA PRO A 98 1.82 -18.52 7.78
C PRO A 98 1.72 -17.01 7.96
N ILE A 99 1.10 -16.35 6.97
CA ILE A 99 0.85 -14.92 7.06
C ILE A 99 -0.67 -14.71 7.02
N THR A 100 -1.28 -14.56 8.21
CA THR A 100 -2.72 -14.39 8.31
C THR A 100 -3.07 -12.90 8.47
N ASN A 101 -2.07 -12.05 8.76
CA ASN A 101 -2.25 -10.62 8.67
C ASN A 101 -1.13 -10.03 7.80
N VAL A 102 -1.46 -9.75 6.54
CA VAL A 102 -0.50 -9.26 5.57
C VAL A 102 0.03 -7.88 6.01
N ARG A 103 -0.80 -7.09 6.69
CA ARG A 103 -0.40 -5.76 7.13
C ARG A 103 0.75 -5.83 8.14
N ALA A 104 0.91 -6.97 8.83
CA ALA A 104 2.04 -7.12 9.75
C ALA A 104 3.38 -7.04 9.02
N LEU A 105 3.41 -7.41 7.72
CA LEU A 105 4.61 -7.29 6.92
C LEU A 105 4.87 -5.85 6.49
N LYS A 106 3.87 -4.97 6.55
CA LYS A 106 3.97 -3.61 6.02
C LYS A 106 4.07 -2.56 7.12
N GLN A 107 4.05 -3.02 8.37
CA GLN A 107 4.19 -2.15 9.53
C GLN A 107 5.50 -1.37 9.44
N ARG A 108 5.45 -0.05 9.57
CA ARG A 108 6.65 0.78 9.49
C ARG A 108 7.25 0.90 10.90
N LEU A 109 8.58 0.80 11.00
CA LEU A 109 9.25 0.62 12.28
C LEU A 109 10.15 1.80 12.62
N LYS A 110 10.33 2.04 13.92
CA LYS A 110 11.35 2.94 14.43
C LYS A 110 12.55 2.13 14.93
N GLN A 111 12.27 0.91 15.42
CA GLN A 111 13.29 0.06 16.03
C GLN A 111 13.55 -1.11 15.09
N TYR A 112 14.82 -1.28 14.68
CA TYR A 112 15.20 -2.41 13.85
C TYR A 112 16.18 -3.30 14.61
N ASN A 113 15.94 -4.61 14.58
CA ASN A 113 16.66 -5.56 15.43
C ASN A 113 17.56 -6.48 14.61
N TYR A 114 17.28 -6.68 13.30
CA TYR A 114 17.94 -7.72 12.53
C TYR A 114 18.58 -7.25 11.23
N VAL A 115 18.20 -6.07 10.71
CA VAL A 115 18.79 -5.57 9.48
C VAL A 115 19.17 -4.11 9.67
N GLU A 116 20.15 -3.66 8.87
CA GLU A 116 20.57 -2.27 8.92
C GLU A 116 20.82 -1.74 7.52
N PRO A 117 20.53 -0.45 7.29
CA PRO A 117 20.78 0.21 6.02
C PRO A 117 22.18 0.80 5.91
N PHE A 118 22.76 0.75 4.70
CA PHE A 118 23.95 1.51 4.39
C PHE A 118 23.67 2.33 3.13
N TYR A 119 23.47 3.64 3.32
CA TYR A 119 23.04 4.53 2.25
C TYR A 119 24.20 5.40 1.77
N GLU A 120 24.40 5.42 0.46
CA GLU A 120 25.38 6.29 -0.18
C GLU A 120 24.60 7.26 -1.07
N ALA A 121 24.59 8.53 -0.68
CA ALA A 121 23.77 9.54 -1.32
C ALA A 121 24.29 9.80 -2.73
N GLY A 122 23.36 9.78 -3.69
CA GLY A 122 23.65 10.19 -5.06
C GLY A 122 22.40 10.79 -5.69
N GLY A 123 22.13 10.43 -6.95
CA GLY A 123 20.97 10.93 -7.66
C GLY A 123 19.72 10.08 -7.44
N LYS A 124 18.78 10.20 -8.39
CA LYS A 124 17.41 9.76 -8.21
C LYS A 124 17.19 8.31 -8.63
N ASP A 125 18.21 7.65 -9.19
CA ASP A 125 18.18 6.20 -9.29
C ASP A 125 18.79 5.60 -8.02
N LEU A 126 18.06 4.68 -7.39
CA LEU A 126 18.53 4.01 -6.19
C LEU A 126 18.86 2.56 -6.53
N VAL A 127 20.12 2.18 -6.31
CA VAL A 127 20.55 0.80 -6.45
C VAL A 127 20.43 0.13 -5.09
N VAL A 128 19.51 -0.85 -5.01
CA VAL A 128 19.18 -1.54 -3.78
C VAL A 128 19.86 -2.91 -3.82
N MET A 129 20.58 -3.23 -2.74
CA MET A 129 21.20 -4.54 -2.61
C MET A 129 20.67 -5.20 -1.33
N LEU A 130 19.86 -6.25 -1.50
CA LEU A 130 19.29 -7.01 -0.40
C LEU A 130 20.22 -8.18 -0.15
N ASN A 131 21.15 -7.96 0.79
CA ASN A 131 22.29 -8.83 0.95
C ASN A 131 22.30 -9.42 2.35
N TYR A 132 21.84 -10.68 2.45
CA TYR A 132 21.85 -11.38 3.73
C TYR A 132 22.95 -12.43 3.77
N SER A 133 24.02 -12.26 2.99
CA SER A 133 25.01 -13.31 2.76
C SER A 133 26.22 -13.26 3.69
N HIS A 134 26.46 -12.13 4.35
CA HIS A 134 27.64 -11.96 5.19
C HIS A 134 28.91 -11.86 4.33
N HIS A 135 28.79 -11.41 3.09
CA HIS A 135 29.94 -11.03 2.27
C HIS A 135 29.44 -10.01 1.25
N GLU A 136 30.18 -8.90 1.10
CA GLU A 136 29.71 -7.73 0.37
C GLU A 136 29.53 -8.07 -1.10
N ILE A 137 28.48 -7.51 -1.71
CA ILE A 137 28.24 -7.67 -3.14
C ILE A 137 28.34 -6.32 -3.85
N LYS A 138 28.53 -5.26 -3.05
CA LYS A 138 28.48 -3.88 -3.53
C LYS A 138 29.50 -3.65 -4.63
N THR A 139 30.75 -4.12 -4.48
CA THR A 139 31.77 -3.89 -5.50
C THR A 139 31.34 -4.49 -6.85
N ALA A 140 30.79 -5.70 -6.83
CA ALA A 140 30.40 -6.35 -8.09
C ALA A 140 29.20 -5.65 -8.70
N VAL A 141 28.25 -5.21 -7.86
CA VAL A 141 27.06 -4.54 -8.37
C VAL A 141 27.47 -3.18 -8.95
N LYS A 142 28.34 -2.44 -8.26
CA LYS A 142 28.79 -1.15 -8.74
C LYS A 142 29.51 -1.27 -10.08
N GLU A 143 30.34 -2.31 -10.24
CA GLU A 143 31.07 -2.51 -11.48
C GLU A 143 30.07 -2.70 -12.63
N TYR A 144 29.05 -3.53 -12.39
CA TYR A 144 27.99 -3.78 -13.36
C TYR A 144 27.24 -2.49 -13.68
N VAL A 145 26.86 -1.73 -12.64
CA VAL A 145 26.11 -0.49 -12.82
C VAL A 145 26.93 0.47 -13.69
N MET A 146 28.21 0.64 -13.36
CA MET A 146 29.07 1.59 -14.05
C MET A 146 29.31 1.16 -15.50
N ASN A 147 29.48 -0.14 -15.74
CA ASN A 147 29.97 -0.62 -17.02
C ASN A 147 28.85 -0.99 -17.99
N LYS A 148 27.69 -1.40 -17.48
CA LYS A 148 26.66 -1.96 -18.34
C LYS A 148 25.41 -1.08 -18.36
N LEU A 149 25.01 -0.53 -17.22
CA LEU A 149 23.81 0.29 -17.18
C LEU A 149 24.17 1.73 -17.48
N ARG A 150 25.40 2.10 -17.13
CA ARG A 150 25.90 3.45 -17.27
C ARG A 150 24.94 4.45 -16.62
N LEU A 151 24.49 4.17 -15.39
CA LEU A 151 23.64 5.10 -14.64
C LEU A 151 24.47 6.32 -14.21
N GLU A 152 23.80 7.48 -14.05
CA GLU A 152 24.48 8.72 -13.71
C GLU A 152 24.43 8.98 -12.20
N ASN A 153 25.57 8.78 -11.53
CA ASN A 153 25.73 9.05 -10.10
C ASN A 153 24.55 8.50 -9.31
N PRO A 154 24.24 7.18 -9.40
CA PRO A 154 23.14 6.63 -8.63
C PRO A 154 23.40 6.68 -7.14
N SER A 155 22.31 6.76 -6.37
CA SER A 155 22.36 6.45 -4.95
C SER A 155 22.46 4.93 -4.77
N TYR A 156 23.03 4.50 -3.63
CA TYR A 156 23.15 3.10 -3.30
C TYR A 156 22.55 2.85 -1.90
N LEU A 157 21.79 1.75 -1.78
CA LEU A 157 21.28 1.29 -0.50
C LEU A 157 21.56 -0.21 -0.36
N GLU A 158 22.50 -0.58 0.53
CA GLU A 158 22.69 -1.96 0.93
C GLU A 158 21.90 -2.21 2.21
N ILE A 159 21.09 -3.27 2.22
CA ILE A 159 20.46 -3.76 3.43
C ILE A 159 21.08 -5.12 3.76
N SER A 160 21.62 -5.23 4.98
CA SER A 160 22.27 -6.46 5.38
C SER A 160 21.88 -6.81 6.81
N LEU A 161 22.21 -8.04 7.20
CA LEU A 161 21.87 -8.55 8.52
C LEU A 161 22.71 -7.84 9.57
N LYS A 162 22.15 -7.69 10.77
CA LYS A 162 22.94 -7.34 11.93
C LYS A 162 22.61 -8.34 13.02
N GLY A 163 23.62 -8.62 13.86
CA GLY A 163 23.45 -9.50 15.01
C GLY A 163 23.52 -10.97 14.64
N ILE A 164 22.65 -11.41 13.73
CA ILE A 164 22.63 -12.76 13.19
C ILE A 164 23.85 -12.97 12.32
N THR A 165 24.57 -14.08 12.51
CA THR A 165 25.90 -14.27 11.92
C THR A 165 25.88 -15.37 10.85
N GLY A 166 24.77 -16.13 10.77
CA GLY A 166 24.66 -17.23 9.83
C GLY A 166 23.36 -17.16 9.03
N ASN A 167 22.68 -18.30 8.90
CA ASN A 167 21.38 -18.37 8.24
C ASN A 167 20.29 -17.76 9.10
N ILE A 168 19.25 -17.30 8.42
CA ILE A 168 18.07 -16.76 9.07
C ILE A 168 17.14 -17.91 9.40
N PRO A 169 16.80 -18.15 10.68
CA PRO A 169 15.80 -19.18 10.98
C PRO A 169 14.42 -18.81 10.44
N ILE A 170 13.63 -19.85 10.12
CA ILE A 170 12.27 -19.71 9.61
C ILE A 170 11.50 -18.71 10.45
N GLU A 171 11.64 -18.81 11.78
CA GLU A 171 10.83 -18.06 12.73
C GLU A 171 11.08 -16.55 12.62
N LEU A 172 12.24 -16.15 12.06
CA LEU A 172 12.61 -14.74 11.94
C LEU A 172 12.40 -14.21 10.51
N MET A 173 11.95 -15.04 9.58
CA MET A 173 11.88 -14.58 8.20
C MET A 173 10.82 -13.50 8.01
N PRO A 174 9.59 -13.61 8.57
CA PRO A 174 8.65 -12.49 8.52
C PRO A 174 9.21 -11.19 9.10
N THR A 175 9.93 -11.29 10.23
CA THR A 175 10.52 -10.13 10.86
C THR A 175 11.56 -9.47 9.94
N VAL A 176 12.46 -10.27 9.36
CA VAL A 176 13.48 -9.72 8.48
C VAL A 176 12.83 -9.08 7.25
N ALA A 177 11.77 -9.72 6.72
CA ALA A 177 11.07 -9.15 5.57
C ALA A 177 10.42 -7.82 5.96
N ASN A 178 9.74 -7.79 7.11
CA ASN A 178 9.10 -6.58 7.60
C ASN A 178 10.12 -5.45 7.75
N GLU A 179 11.25 -5.73 8.41
CA GLU A 179 12.27 -4.72 8.63
C GLU A 179 12.84 -4.22 7.31
N THR A 180 13.10 -5.13 6.37
CA THR A 180 13.63 -4.77 5.06
C THR A 180 12.66 -3.83 4.36
N SER A 181 11.37 -4.22 4.33
CA SER A 181 10.34 -3.45 3.66
C SER A 181 10.25 -2.04 4.24
N SER A 182 10.30 -1.94 5.58
CA SER A 182 10.24 -0.67 6.27
C SER A 182 11.44 0.22 5.91
N LEU A 183 12.63 -0.37 5.79
CA LEU A 183 13.83 0.38 5.42
C LEU A 183 13.71 0.90 3.99
N LEU A 184 13.07 0.12 3.10
CA LEU A 184 12.92 0.51 1.70
C LEU A 184 12.00 1.71 1.55
N GLN A 185 11.09 1.91 2.51
CA GLN A 185 10.27 3.11 2.54
C GLN A 185 11.02 4.23 3.27
N ASP A 186 11.71 3.91 4.36
CA ASP A 186 12.45 4.91 5.13
C ASP A 186 13.49 5.64 4.29
N VAL A 187 14.15 4.98 3.34
CA VAL A 187 15.18 5.62 2.54
C VAL A 187 14.61 6.79 1.74
N LYS A 188 13.31 6.78 1.46
CA LYS A 188 12.67 7.85 0.70
C LYS A 188 12.58 9.16 1.48
N LYS A 189 12.88 9.14 2.79
CA LYS A 189 13.00 10.35 3.58
C LYS A 189 14.23 11.15 3.17
N HIS A 190 15.26 10.49 2.62
CA HIS A 190 16.45 11.19 2.16
C HIS A 190 16.11 12.09 0.99
N GLN A 191 15.40 11.55 -0.01
CA GLN A 191 15.03 12.28 -1.21
C GLN A 191 13.98 11.46 -1.96
N SER A 192 13.34 12.09 -2.96
CA SER A 192 12.37 11.39 -3.78
C SER A 192 13.10 10.73 -4.95
N PHE A 193 13.16 9.40 -4.94
CA PHE A 193 13.82 8.65 -5.98
C PHE A 193 12.87 8.43 -7.15
N ASP A 194 13.41 8.35 -8.35
CA ASP A 194 12.61 8.14 -9.55
C ASP A 194 12.47 6.65 -9.86
N ARG A 195 13.46 5.85 -9.46
CA ARG A 195 13.53 4.47 -9.91
C ARG A 195 14.38 3.66 -8.94
N PHE A 196 13.90 2.47 -8.57
CA PHE A 196 14.62 1.51 -7.74
C PHE A 196 15.12 0.34 -8.59
N HIS A 197 16.40 -0.02 -8.39
CA HIS A 197 17.04 -1.14 -9.06
C HIS A 197 17.40 -2.21 -8.04
N PHE A 198 16.76 -3.38 -8.11
CA PHE A 198 16.84 -4.41 -7.08
C PHE A 198 17.83 -5.51 -7.46
N PHE A 199 18.82 -5.72 -6.58
CA PHE A 199 19.78 -6.80 -6.65
C PHE A 199 19.67 -7.65 -5.39
N PHE A 200 19.81 -8.97 -5.52
CA PHE A 200 19.57 -9.88 -4.40
C PHE A 200 20.78 -10.77 -4.12
N SER A 201 21.01 -10.98 -2.82
CA SER A 201 21.61 -12.19 -2.29
C SER A 201 20.82 -12.67 -1.07
N CYS A 202 19.66 -13.34 -1.29
CA CYS A 202 18.71 -13.53 -0.20
C CYS A 202 17.74 -14.69 -0.35
N PRO A 203 17.22 -15.23 0.78
CA PRO A 203 16.27 -16.34 0.75
C PRO A 203 14.98 -15.99 0.02
N VAL A 204 14.44 -17.01 -0.67
CA VAL A 204 13.26 -16.88 -1.50
C VAL A 204 12.06 -16.35 -0.71
N PRO A 205 11.73 -16.87 0.49
CA PRO A 205 10.55 -16.38 1.20
C PRO A 205 10.64 -14.90 1.55
N ILE A 206 11.84 -14.44 1.88
CA ILE A 206 12.05 -13.04 2.19
C ILE A 206 11.82 -12.20 0.93
N ALA A 207 12.38 -12.65 -0.20
CA ALA A 207 12.23 -11.91 -1.44
C ALA A 207 10.75 -11.75 -1.77
N PHE A 208 9.98 -12.84 -1.62
CA PHE A 208 8.56 -12.82 -1.90
C PHE A 208 7.84 -11.82 -1.00
N MET A 209 8.08 -11.91 0.30
CA MET A 209 7.40 -11.07 1.28
C MET A 209 7.75 -9.61 1.08
N VAL A 210 9.01 -9.31 0.72
CA VAL A 210 9.43 -7.92 0.50
C VAL A 210 8.73 -7.39 -0.76
N GLY A 211 8.62 -8.22 -1.79
CA GLY A 211 7.89 -7.86 -3.01
C GLY A 211 6.42 -7.53 -2.71
N VAL A 212 5.79 -8.36 -1.88
CA VAL A 212 4.40 -8.14 -1.46
C VAL A 212 4.25 -6.73 -0.90
N ALA A 213 5.17 -6.34 0.00
CA ALA A 213 5.09 -5.06 0.71
C ALA A 213 5.42 -3.90 -0.23
N PHE A 214 6.49 -4.04 -1.01
CA PHE A 214 6.99 -2.93 -1.80
C PHE A 214 5.99 -2.59 -2.89
N GLY A 215 5.45 -3.63 -3.53
CA GLY A 215 4.44 -3.46 -4.56
C GLY A 215 4.98 -2.84 -5.83
N LEU A 216 4.06 -2.33 -6.65
CA LEU A 216 4.40 -1.80 -7.96
C LEU A 216 4.25 -0.28 -7.94
N TYR A 217 4.65 0.39 -6.84
CA TYR A 217 4.23 1.75 -6.55
C TYR A 217 5.30 2.75 -7.05
N ASP A 218 6.56 2.29 -7.10
CA ASP A 218 7.66 3.01 -7.72
C ASP A 218 8.10 2.21 -8.92
N GLU A 219 8.60 2.98 -9.90
CA GLU A 219 9.31 2.48 -11.07
C GLU A 219 10.42 1.64 -10.48
N LEU A 220 10.45 0.38 -10.94
CA LEU A 220 11.42 -0.57 -10.42
C LEU A 220 11.88 -1.47 -11.55
N VAL A 221 13.12 -1.93 -11.39
CA VAL A 221 13.72 -2.93 -12.26
C VAL A 221 14.29 -4.00 -11.35
N VAL A 222 14.07 -5.27 -11.74
CA VAL A 222 14.56 -6.42 -11.00
C VAL A 222 15.71 -7.05 -11.78
N TYR A 223 16.81 -7.37 -11.08
CA TYR A 223 18.01 -7.91 -11.69
C TYR A 223 18.27 -9.30 -11.11
N ASN A 224 18.84 -10.16 -11.96
CA ASN A 224 19.20 -11.51 -11.58
C ASN A 224 20.68 -11.74 -11.83
N PHE A 225 21.32 -12.46 -10.89
CA PHE A 225 22.72 -12.86 -11.00
C PHE A 225 22.78 -14.32 -11.46
N SER A 226 23.46 -14.50 -12.59
CA SER A 226 23.79 -15.82 -13.10
C SER A 226 25.13 -15.74 -13.81
N GLY A 227 26.21 -15.69 -13.02
CA GLY A 227 27.55 -15.44 -13.52
C GLY A 227 27.81 -13.94 -13.71
N THR A 228 26.83 -13.27 -14.32
CA THR A 228 26.78 -11.81 -14.38
C THR A 228 25.34 -11.38 -14.08
N TYR A 229 25.14 -10.07 -13.88
CA TYR A 229 23.82 -9.50 -13.66
C TYR A 229 23.15 -9.18 -14.99
N GLU A 230 21.82 -9.33 -15.05
CA GLU A 230 21.02 -8.80 -16.13
C GLU A 230 19.66 -8.37 -15.58
N PRO A 231 18.99 -7.36 -16.18
CA PRO A 231 17.61 -7.07 -15.80
C PRO A 231 16.69 -8.19 -16.27
N VAL A 232 15.70 -8.58 -15.44
CA VAL A 232 14.80 -9.67 -15.81
C VAL A 232 13.33 -9.23 -15.74
N LEU A 233 13.01 -8.14 -15.04
CA LEU A 233 11.65 -7.64 -14.94
C LEU A 233 11.68 -6.12 -14.89
N SER A 234 10.80 -5.48 -15.66
CA SER A 234 10.68 -4.03 -15.61
C SER A 234 9.28 -3.64 -15.16
N PHE A 235 9.18 -2.42 -14.67
CA PHE A 235 7.91 -1.84 -14.22
C PHE A 235 6.88 -1.92 -15.34
N LYS A 236 7.30 -1.59 -16.57
CA LYS A 236 6.37 -1.55 -17.70
C LYS A 236 5.77 -2.95 -17.92
N ASP A 237 6.61 -3.99 -17.89
CA ASP A 237 6.16 -5.35 -18.10
C ASP A 237 5.19 -5.77 -17.00
N LEU A 238 5.53 -5.44 -15.75
CA LEU A 238 4.73 -5.86 -14.61
C LEU A 238 3.37 -5.15 -14.63
N LYS A 239 3.37 -3.87 -14.99
CA LYS A 239 2.13 -3.11 -15.14
C LYS A 239 1.21 -3.79 -16.16
N GLU A 240 1.79 -4.26 -17.27
CA GLU A 240 1.02 -4.79 -18.38
C GLU A 240 0.47 -6.19 -18.04
N VAL A 241 1.03 -6.85 -17.02
CA VAL A 241 0.53 -8.14 -16.57
C VAL A 241 -0.88 -7.97 -16.02
N LYS A 242 -1.09 -6.85 -15.32
CA LYS A 242 -2.39 -6.49 -14.81
C LYS A 242 -3.19 -5.81 -15.93
N MET B 5 -40.68 2.30 6.54
CA MET B 5 -40.28 2.99 5.28
C MET B 5 -38.76 3.08 5.22
N ALA B 6 -38.17 3.71 6.25
CA ALA B 6 -36.73 3.78 6.38
C ALA B 6 -36.16 2.36 6.50
N HIS B 7 -35.12 2.09 5.72
CA HIS B 7 -34.62 0.75 5.51
C HIS B 7 -33.15 0.85 5.07
N MET B 8 -32.30 0.01 5.65
CA MET B 8 -30.87 0.05 5.37
C MET B 8 -30.62 -0.27 3.89
N ILE B 9 -29.59 0.36 3.32
CA ILE B 9 -29.24 0.20 1.91
C ILE B 9 -27.71 0.21 1.84
N GLY B 10 -27.15 -0.51 0.87
CA GLY B 10 -25.72 -0.46 0.60
C GLY B 10 -25.42 0.43 -0.61
N VAL B 11 -24.33 1.19 -0.53
CA VAL B 11 -23.81 1.94 -1.65
C VAL B 11 -22.37 1.48 -1.86
N TYR B 12 -22.08 1.02 -3.08
CA TYR B 12 -20.79 0.45 -3.42
C TYR B 12 -20.19 1.28 -4.55
N ILE B 13 -19.10 2.00 -4.22
CA ILE B 13 -18.33 2.74 -5.21
C ILE B 13 -17.15 1.87 -5.62
N THR B 14 -17.05 1.58 -6.92
CA THR B 14 -16.01 0.67 -7.37
C THR B 14 -15.45 1.09 -8.73
N LYS B 15 -14.12 0.94 -8.85
CA LYS B 15 -13.41 1.12 -10.11
C LYS B 15 -13.74 0.00 -11.08
N TRP B 16 -14.35 -1.09 -10.59
CA TRP B 16 -14.74 -2.21 -11.44
C TRP B 16 -16.26 -2.29 -11.52
N GLY B 17 -16.86 -3.28 -10.83
CA GLY B 17 -18.31 -3.46 -10.86
C GLY B 17 -18.71 -4.92 -10.65
N PHE B 18 -17.96 -5.83 -11.29
CA PHE B 18 -18.33 -7.24 -11.33
C PHE B 18 -18.32 -7.87 -9.94
N GLU B 19 -17.58 -7.28 -8.99
CA GLU B 19 -17.23 -7.95 -7.73
C GLU B 19 -18.17 -7.56 -6.59
N VAL B 20 -19.33 -6.97 -6.92
CA VAL B 20 -20.21 -6.34 -5.93
C VAL B 20 -20.81 -7.39 -4.98
N GLU B 21 -20.90 -8.64 -5.42
CA GLU B 21 -21.49 -9.71 -4.60
C GLU B 21 -20.73 -9.91 -3.30
N THR B 22 -19.41 -9.68 -3.27
CA THR B 22 -18.63 -9.88 -2.06
C THR B 22 -19.10 -8.91 -0.98
N PHE B 23 -19.40 -7.67 -1.39
CA PHE B 23 -19.91 -6.66 -0.46
C PHE B 23 -21.32 -7.07 -0.02
N LYS B 24 -22.16 -7.44 -0.98
CA LYS B 24 -23.56 -7.70 -0.72
C LYS B 24 -23.69 -8.82 0.30
N LYS B 25 -22.88 -9.88 0.17
CA LYS B 25 -23.02 -11.04 1.04
C LYS B 25 -22.64 -10.69 2.47
N ALA B 26 -21.83 -9.66 2.68
CA ALA B 26 -21.43 -9.26 4.03
C ALA B 26 -22.56 -8.50 4.75
N LEU B 27 -23.52 -7.96 4.00
CA LEU B 27 -24.58 -7.16 4.60
C LEU B 27 -25.71 -8.05 5.08
N PRO B 28 -26.59 -7.53 5.96
CA PRO B 28 -27.81 -8.25 6.34
C PRO B 28 -28.63 -8.70 5.13
N LYS B 29 -29.37 -9.79 5.33
CA LYS B 29 -30.16 -10.42 4.28
C LYS B 29 -31.12 -9.38 3.69
N ASN B 30 -31.28 -9.42 2.37
CA ASN B 30 -32.20 -8.55 1.64
C ASN B 30 -31.83 -7.07 1.79
N THR B 31 -30.53 -6.77 1.84
CA THR B 31 -30.08 -5.39 1.68
C THR B 31 -29.80 -5.17 0.19
N GLU B 32 -30.50 -4.17 -0.38
CA GLU B 32 -30.23 -3.70 -1.74
C GLU B 32 -28.89 -2.96 -1.75
N VAL B 33 -28.17 -3.08 -2.87
CA VAL B 33 -26.92 -2.36 -3.05
C VAL B 33 -27.01 -1.56 -4.33
N LYS B 34 -26.72 -0.25 -4.24
CA LYS B 34 -26.59 0.62 -5.39
C LYS B 34 -25.11 0.75 -5.73
N THR B 35 -24.74 0.43 -6.98
CA THR B 35 -23.36 0.49 -7.42
C THR B 35 -23.12 1.85 -8.08
N ILE B 36 -22.00 2.48 -7.72
CA ILE B 36 -21.51 3.65 -8.42
C ILE B 36 -20.18 3.27 -9.09
N ALA B 37 -20.14 3.41 -10.42
CA ALA B 37 -18.98 3.07 -11.21
C ALA B 37 -18.01 4.24 -11.23
N PHE B 38 -16.79 4.03 -10.74
CA PHE B 38 -15.71 5.00 -10.86
C PHE B 38 -14.86 4.62 -12.07
N THR B 39 -14.71 5.55 -13.01
CA THR B 39 -14.05 5.27 -14.27
C THR B 39 -12.86 6.20 -14.46
N GLY B 40 -12.40 6.86 -13.38
CA GLY B 40 -11.30 7.80 -13.47
C GLY B 40 -11.77 9.25 -13.58
N ASP B 41 -13.08 9.49 -13.40
CA ASP B 41 -13.64 10.84 -13.29
C ASP B 41 -14.12 11.06 -11.86
N TRP B 42 -13.32 11.79 -11.06
CA TRP B 42 -13.58 11.94 -9.64
C TRP B 42 -14.87 12.71 -9.41
N ILE B 43 -15.05 13.84 -10.10
CA ILE B 43 -16.19 14.69 -9.80
C ILE B 43 -17.50 13.99 -10.18
N GLU B 44 -17.49 13.20 -11.27
CA GLU B 44 -18.71 12.52 -11.68
C GLU B 44 -19.11 11.46 -10.64
N ALA B 45 -18.11 10.75 -10.08
CA ALA B 45 -18.40 9.72 -9.08
C ALA B 45 -18.94 10.38 -7.81
N VAL B 46 -18.36 11.51 -7.42
CA VAL B 46 -18.82 12.23 -6.24
C VAL B 46 -20.25 12.72 -6.45
N ARG B 47 -20.53 13.23 -7.66
CA ARG B 47 -21.88 13.69 -8.01
C ARG B 47 -22.89 12.54 -7.85
N GLN B 48 -22.56 11.37 -8.41
CA GLN B 48 -23.47 10.23 -8.37
C GLN B 48 -23.63 9.74 -6.93
N PHE B 49 -22.55 9.80 -6.14
CA PHE B 49 -22.60 9.41 -4.75
C PHE B 49 -23.58 10.32 -4.01
N TYR B 50 -23.44 11.64 -4.17
CA TYR B 50 -24.32 12.59 -3.51
C TYR B 50 -25.77 12.32 -3.92
N SER B 51 -25.99 12.14 -5.22
CA SER B 51 -27.33 11.91 -5.75
C SER B 51 -27.97 10.70 -5.09
N THR B 52 -27.16 9.65 -4.87
CA THR B 52 -27.65 8.40 -4.33
C THR B 52 -27.99 8.55 -2.85
N VAL B 53 -27.13 9.21 -2.06
CA VAL B 53 -27.31 9.23 -0.62
C VAL B 53 -28.37 10.27 -0.25
N LYS B 54 -28.52 11.33 -1.07
CA LYS B 54 -29.57 12.32 -0.87
C LYS B 54 -30.95 11.67 -0.74
N GLU B 55 -31.25 10.69 -1.60
CA GLU B 55 -32.59 10.14 -1.71
C GLU B 55 -32.75 8.87 -0.87
N ILE B 56 -31.73 8.51 -0.08
CA ILE B 56 -31.82 7.36 0.81
C ILE B 56 -32.38 7.79 2.16
N ASP B 57 -33.41 7.07 2.60
CA ASP B 57 -33.94 7.13 3.94
C ASP B 57 -33.55 5.85 4.65
N GLY B 58 -32.60 5.94 5.58
CA GLY B 58 -32.18 4.78 6.37
C GLY B 58 -30.67 4.75 6.59
N HIS B 59 -30.20 3.69 7.25
CA HIS B 59 -28.78 3.52 7.50
C HIS B 59 -28.12 3.13 6.19
N ILE B 60 -26.95 3.73 5.92
CA ILE B 60 -26.22 3.46 4.70
C ILE B 60 -24.99 2.61 5.02
N HIS B 61 -24.89 1.46 4.36
CA HIS B 61 -23.68 0.65 4.38
C HIS B 61 -22.82 1.06 3.19
N LEU B 62 -21.58 1.51 3.45
CA LEU B 62 -20.68 2.01 2.42
C LEU B 62 -19.50 1.04 2.28
N ALA B 63 -19.09 0.88 1.03
CA ALA B 63 -17.78 0.35 0.70
C ALA B 63 -17.27 1.07 -0.55
N LEU B 64 -15.95 1.23 -0.62
CA LEU B 64 -15.34 1.93 -1.73
C LEU B 64 -14.08 1.18 -2.15
N ASN B 65 -14.14 0.66 -3.38
CA ASN B 65 -13.02 -0.03 -4.02
C ASN B 65 -12.42 0.95 -5.02
N GLY B 66 -11.43 1.70 -4.57
CA GLY B 66 -10.96 2.86 -5.29
C GLY B 66 -10.01 3.69 -4.44
N PRO B 67 -9.54 4.84 -4.96
CA PRO B 67 -8.51 5.62 -4.29
C PRO B 67 -9.02 6.39 -3.07
N SER B 68 -8.12 6.57 -2.10
CA SER B 68 -8.44 7.30 -0.89
C SER B 68 -8.82 8.76 -1.20
N SER B 69 -8.26 9.31 -2.28
CA SER B 69 -8.59 10.67 -2.70
C SER B 69 -10.09 10.81 -3.05
N LEU B 70 -10.65 9.78 -3.67
CA LEU B 70 -12.08 9.73 -3.97
C LEU B 70 -12.87 9.58 -2.68
N ALA B 71 -12.39 8.70 -1.79
CA ALA B 71 -13.05 8.49 -0.51
C ALA B 71 -13.15 9.81 0.26
N PHE B 72 -12.07 10.60 0.24
CA PHE B 72 -12.08 11.87 0.95
C PHE B 72 -13.13 12.79 0.34
N GLY B 73 -13.17 12.86 -0.99
CA GLY B 73 -14.16 13.69 -1.67
C GLY B 73 -15.59 13.30 -1.31
N CYS B 74 -15.87 11.99 -1.31
CA CYS B 74 -17.20 11.49 -0.99
C CYS B 74 -17.56 11.85 0.45
N GLY B 75 -16.56 11.80 1.36
CA GLY B 75 -16.76 12.17 2.74
C GLY B 75 -17.14 13.64 2.88
N VAL B 76 -16.43 14.48 2.14
CA VAL B 76 -16.64 15.93 2.20
C VAL B 76 -18.09 16.27 1.86
N ILE B 77 -18.69 15.64 0.84
CA ILE B 77 -20.06 16.03 0.47
C ILE B 77 -21.09 15.19 1.22
N PHE B 78 -20.68 14.21 2.04
CA PHE B 78 -21.62 13.33 2.72
C PHE B 78 -22.46 14.13 3.73
N GLY B 79 -21.84 15.07 4.46
CA GLY B 79 -22.57 15.89 5.42
C GLY B 79 -22.79 15.16 6.74
N SER B 80 -23.84 15.56 7.47
CA SER B 80 -24.04 15.11 8.84
C SER B 80 -25.51 14.80 9.14
N LEU B 81 -26.33 14.49 8.12
CA LEU B 81 -27.74 14.18 8.34
C LEU B 81 -27.97 12.66 8.36
N LYS B 82 -27.01 11.89 7.84
CA LYS B 82 -27.18 10.45 7.67
C LYS B 82 -26.15 9.70 8.50
N THR B 83 -26.54 8.47 8.90
CA THR B 83 -25.64 7.53 9.58
C THR B 83 -25.12 6.52 8.56
N PHE B 84 -23.98 5.90 8.88
CA PHE B 84 -23.36 4.95 7.99
C PHE B 84 -22.55 3.91 8.76
N SER B 85 -22.41 2.74 8.12
CA SER B 85 -21.39 1.77 8.47
C SER B 85 -20.39 1.70 7.31
N PHE B 86 -19.10 1.77 7.62
CA PHE B 86 -18.09 1.67 6.59
C PHE B 86 -17.53 0.26 6.61
N TRP B 87 -17.60 -0.43 5.46
CA TRP B 87 -17.09 -1.79 5.32
C TRP B 87 -15.77 -1.79 4.57
N HIS B 88 -14.78 -2.51 5.13
CA HIS B 88 -13.43 -2.54 4.62
C HIS B 88 -13.01 -3.99 4.36
N TYR B 89 -12.36 -4.20 3.21
CA TYR B 89 -11.94 -5.51 2.77
C TYR B 89 -10.55 -5.78 3.32
N GLN B 90 -10.42 -6.85 4.12
CA GLN B 90 -9.14 -7.21 4.72
C GLN B 90 -9.04 -8.72 4.90
N ASN B 91 -7.80 -9.21 4.80
CA ASN B 91 -7.42 -10.56 5.21
C ASN B 91 -8.63 -11.50 5.21
N GLY B 92 -9.28 -11.64 4.05
CA GLY B 92 -10.35 -12.61 3.88
C GLY B 92 -11.63 -12.00 3.30
N ALA B 93 -12.19 -10.97 3.95
CA ALA B 93 -13.54 -10.53 3.62
C ALA B 93 -13.77 -9.08 4.04
N TYR B 94 -15.02 -8.63 3.89
CA TYR B 94 -15.44 -7.31 4.34
C TYR B 94 -15.78 -7.34 5.82
N HIS B 95 -15.33 -6.31 6.54
CA HIS B 95 -15.61 -6.16 7.95
C HIS B 95 -16.03 -4.72 8.21
N THR B 96 -17.02 -4.53 9.11
CA THR B 96 -17.53 -3.20 9.38
C THR B 96 -16.56 -2.47 10.32
N ILE B 97 -16.34 -1.19 10.01
CA ILE B 97 -15.66 -0.29 10.93
C ILE B 97 -16.59 -0.06 12.11
N PRO B 98 -16.09 -0.10 13.37
CA PRO B 98 -16.97 0.13 14.51
C PRO B 98 -17.83 1.37 14.28
N ILE B 99 -19.15 1.18 14.34
CA ILE B 99 -20.10 2.10 13.74
C ILE B 99 -19.89 3.49 14.36
N THR B 100 -19.39 4.41 13.53
CA THR B 100 -19.01 5.71 14.03
C THR B 100 -20.00 6.79 13.58
N ASN B 101 -20.64 7.35 14.58
CA ASN B 101 -21.47 8.55 14.51
C ASN B 101 -20.66 9.74 13.98
N VAL B 102 -21.30 10.56 13.13
CA VAL B 102 -20.66 11.68 12.45
C VAL B 102 -20.22 12.73 13.47
N ARG B 103 -21.12 13.13 14.39
CA ARG B 103 -20.82 14.13 15.40
C ARG B 103 -19.65 13.67 16.28
N ALA B 104 -19.50 12.36 16.46
CA ALA B 104 -18.43 11.83 17.27
C ALA B 104 -17.05 12.10 16.64
N LEU B 105 -16.99 12.13 15.29
CA LEU B 105 -15.75 12.31 14.55
C LEU B 105 -15.22 13.74 14.65
N LYS B 106 -16.10 14.70 14.91
CA LYS B 106 -15.76 16.11 14.92
C LYS B 106 -15.38 16.57 16.32
N GLN B 107 -15.41 15.66 17.30
CA GLN B 107 -15.06 15.96 18.66
C GLN B 107 -13.62 16.47 18.70
N ARG B 108 -13.39 17.61 19.36
CA ARG B 108 -12.06 18.17 19.46
C ARG B 108 -11.36 17.57 20.67
N LEU B 109 -10.05 17.32 20.55
CA LEU B 109 -9.25 16.68 21.58
C LEU B 109 -8.19 17.65 22.09
N LYS B 110 -7.81 17.46 23.36
CA LYS B 110 -6.65 18.11 23.96
C LYS B 110 -5.46 17.16 23.95
N GLN B 111 -5.73 15.85 23.98
CA GLN B 111 -4.70 14.82 24.04
C GLN B 111 -4.81 13.95 22.80
N TYR B 112 -3.67 13.66 22.16
CA TYR B 112 -3.62 12.76 21.01
C TYR B 112 -2.81 11.52 21.36
N ASN B 113 -3.28 10.33 20.93
CA ASN B 113 -2.58 9.08 21.19
C ASN B 113 -1.83 8.54 19.97
N TYR B 114 -2.24 8.93 18.75
CA TYR B 114 -1.74 8.29 17.55
C TYR B 114 -1.09 9.31 16.60
N VAL B 115 -1.77 10.44 16.34
CA VAL B 115 -1.28 11.37 15.34
C VAL B 115 -0.09 12.13 15.92
N GLU B 116 0.85 12.44 15.02
CA GLU B 116 2.02 13.25 15.33
C GLU B 116 2.16 14.31 14.24
N PRO B 117 1.79 15.57 14.51
CA PRO B 117 1.90 16.62 13.52
C PRO B 117 3.33 17.17 13.42
N PHE B 118 3.78 17.46 12.20
CA PHE B 118 4.95 18.28 11.99
C PHE B 118 4.52 19.47 11.12
N TYR B 119 4.41 20.63 11.76
CA TYR B 119 3.98 21.85 11.10
C TYR B 119 5.20 22.70 10.76
N GLU B 120 5.29 23.13 9.50
CA GLU B 120 6.34 24.02 9.03
C GLU B 120 5.65 25.30 8.59
N ALA B 121 5.84 26.38 9.35
CA ALA B 121 5.16 27.64 9.11
C ALA B 121 5.63 28.24 7.80
N GLY B 122 4.69 28.62 6.95
CA GLY B 122 5.01 29.29 5.70
C GLY B 122 3.89 30.26 5.37
N GLY B 123 3.48 30.28 4.09
CA GLY B 123 2.43 31.16 3.62
C GLY B 123 1.03 30.56 3.82
N LYS B 124 0.09 31.12 3.06
CA LYS B 124 -1.34 30.92 3.27
C LYS B 124 -1.86 29.66 2.55
N ASP B 125 -1.02 29.00 1.75
CA ASP B 125 -1.35 27.69 1.22
C ASP B 125 -0.74 26.64 2.16
N LEU B 126 -1.59 25.74 2.66
CA LEU B 126 -1.16 24.68 3.55
C LEU B 126 -1.18 23.34 2.81
N VAL B 127 -0.02 22.70 2.76
CA VAL B 127 0.09 21.35 2.21
C VAL B 127 -0.07 20.35 3.35
N VAL B 128 -1.15 19.55 3.27
CA VAL B 128 -1.45 18.53 4.26
C VAL B 128 -1.06 17.17 3.71
N MET B 129 -0.27 16.42 4.49
CA MET B 129 0.12 15.07 4.10
C MET B 129 -0.31 14.09 5.18
N LEU B 130 -1.20 13.16 4.84
CA LEU B 130 -1.53 12.07 5.74
C LEU B 130 -0.62 10.89 5.44
N ASN B 131 0.47 10.80 6.21
CA ASN B 131 1.52 9.84 5.93
C ASN B 131 1.32 8.65 6.87
N TYR B 132 0.29 7.84 6.57
CA TYR B 132 -0.28 6.91 7.53
C TYR B 132 0.00 5.46 7.14
N SER B 133 0.30 5.20 5.86
CA SER B 133 0.35 3.83 5.37
C SER B 133 1.79 3.44 5.05
N HIS B 134 1.96 2.26 4.45
CA HIS B 134 3.28 1.69 4.26
C HIS B 134 4.17 2.59 3.41
N HIS B 135 3.60 3.14 2.33
CA HIS B 135 4.38 3.89 1.36
C HIS B 135 4.66 5.30 1.87
N GLU B 136 5.95 5.67 1.85
CA GLU B 136 6.42 6.93 2.39
C GLU B 136 6.30 8.02 1.32
N ILE B 137 5.62 9.15 1.62
CA ILE B 137 5.25 10.09 0.58
C ILE B 137 5.82 11.49 0.80
N LYS B 138 6.49 11.79 1.92
CA LYS B 138 6.81 13.18 2.23
C LYS B 138 7.67 13.83 1.13
N THR B 139 8.77 13.17 0.74
CA THR B 139 9.66 13.78 -0.24
C THR B 139 8.96 13.86 -1.60
N ALA B 140 8.12 12.87 -1.95
CA ALA B 140 7.42 12.91 -3.22
C ALA B 140 6.45 14.11 -3.28
N VAL B 141 5.75 14.38 -2.18
CA VAL B 141 4.79 15.47 -2.15
C VAL B 141 5.55 16.80 -2.26
N LYS B 142 6.64 16.96 -1.49
CA LYS B 142 7.37 18.22 -1.50
C LYS B 142 7.95 18.51 -2.89
N GLU B 143 8.47 17.49 -3.56
CA GLU B 143 9.04 17.66 -4.88
C GLU B 143 7.97 18.14 -5.86
N TYR B 144 6.79 17.51 -5.78
CA TYR B 144 5.66 17.89 -6.62
C TYR B 144 5.24 19.33 -6.33
N VAL B 145 5.13 19.67 -5.04
CA VAL B 145 4.69 21.02 -4.68
C VAL B 145 5.68 22.04 -5.22
N MET B 146 6.98 21.80 -5.02
CA MET B 146 8.02 22.72 -5.45
C MET B 146 8.04 22.87 -6.98
N ASN B 147 7.80 21.79 -7.72
CA ASN B 147 7.98 21.81 -9.16
C ASN B 147 6.71 22.22 -9.92
N LYS B 148 5.52 21.95 -9.36
CA LYS B 148 4.30 21.98 -10.14
C LYS B 148 3.29 23.01 -9.64
N LEU B 149 3.27 23.36 -8.33
CA LEU B 149 2.18 24.14 -7.80
C LEU B 149 2.46 25.65 -7.90
N ARG B 150 3.71 26.04 -8.08
CA ARG B 150 4.09 27.44 -8.26
C ARG B 150 3.61 28.28 -7.07
N LEU B 151 3.83 27.77 -5.86
CA LEU B 151 3.47 28.49 -4.63
C LEU B 151 4.74 29.09 -4.02
N GLU B 152 4.58 30.23 -3.35
CA GLU B 152 5.67 30.86 -2.60
C GLU B 152 5.63 30.37 -1.15
N ASN B 153 6.66 29.60 -0.77
CA ASN B 153 6.90 29.25 0.63
C ASN B 153 5.62 28.72 1.28
N PRO B 154 4.98 27.66 0.74
CA PRO B 154 3.79 27.10 1.37
C PRO B 154 4.06 26.57 2.77
N SER B 155 3.04 26.63 3.63
CA SER B 155 3.06 25.94 4.91
C SER B 155 2.90 24.44 4.66
N TYR B 156 3.47 23.63 5.56
CA TYR B 156 3.34 22.19 5.48
C TYR B 156 2.82 21.65 6.80
N LEU B 157 1.88 20.69 6.72
CA LEU B 157 1.49 19.87 7.86
C LEU B 157 1.58 18.41 7.45
N GLU B 158 2.65 17.75 7.90
CA GLU B 158 2.81 16.31 7.73
C GLU B 158 2.29 15.65 9.00
N ILE B 159 1.37 14.69 8.84
CA ILE B 159 0.85 13.96 9.98
C ILE B 159 1.30 12.51 9.83
N SER B 160 2.05 12.05 10.81
CA SER B 160 2.41 10.64 10.87
C SER B 160 1.72 10.00 12.08
N LEU B 161 1.88 8.67 12.20
CA LEU B 161 1.24 7.94 13.28
C LEU B 161 2.31 7.33 14.17
N LYS B 162 2.04 7.31 15.48
CA LYS B 162 2.88 6.59 16.44
C LYS B 162 2.55 5.09 16.38
N GLY B 163 3.57 4.27 16.11
CA GLY B 163 3.47 2.83 16.28
C GLY B 163 2.77 2.08 15.14
N ILE B 164 1.67 2.62 14.59
CA ILE B 164 0.73 1.82 13.81
C ILE B 164 0.82 2.11 12.31
N THR B 165 1.78 2.95 11.89
CA THR B 165 1.97 3.26 10.47
C THR B 165 2.08 1.98 9.66
N GLY B 166 1.20 1.84 8.67
CA GLY B 166 1.24 0.72 7.72
C GLY B 166 0.47 -0.51 8.20
N ASN B 167 -0.04 -0.49 9.44
CA ASN B 167 -0.76 -1.62 9.99
C ASN B 167 -1.83 -1.10 10.93
N ILE B 168 -2.83 -0.42 10.37
CA ILE B 168 -3.88 0.17 11.17
C ILE B 168 -5.06 -0.78 11.16
N PRO B 169 -5.44 -1.41 12.29
CA PRO B 169 -6.64 -2.22 12.29
C PRO B 169 -7.91 -1.39 12.12
N ILE B 170 -8.94 -2.03 11.57
CA ILE B 170 -10.31 -1.56 11.53
C ILE B 170 -10.67 -0.81 12.81
N GLU B 171 -10.36 -1.44 13.95
CA GLU B 171 -10.84 -0.99 15.24
C GLU B 171 -10.23 0.34 15.65
N LEU B 172 -9.12 0.77 15.02
CA LEU B 172 -8.49 2.04 15.32
C LEU B 172 -8.85 3.14 14.32
N MET B 173 -9.56 2.80 13.25
CA MET B 173 -9.75 3.75 12.17
C MET B 173 -10.61 4.94 12.63
N PRO B 174 -11.73 4.78 13.37
CA PRO B 174 -12.46 5.93 13.88
C PRO B 174 -11.61 6.88 14.73
N THR B 175 -10.77 6.30 15.60
CA THR B 175 -9.91 7.09 16.48
C THR B 175 -8.93 7.90 15.64
N VAL B 176 -8.27 7.26 14.66
CA VAL B 176 -7.30 7.97 13.84
C VAL B 176 -8.01 9.07 13.05
N ALA B 177 -9.21 8.80 12.53
CA ALA B 177 -9.96 9.82 11.80
C ALA B 177 -10.33 10.99 12.71
N ASN B 178 -10.82 10.70 13.93
CA ASN B 178 -11.14 11.74 14.89
C ASN B 178 -9.91 12.60 15.21
N GLU B 179 -8.78 11.95 15.51
CA GLU B 179 -7.58 12.69 15.84
C GLU B 179 -7.12 13.58 14.68
N THR B 180 -7.21 13.05 13.45
CA THR B 180 -6.82 13.81 12.26
C THR B 180 -7.71 15.05 12.14
N SER B 181 -9.03 14.86 12.26
CA SER B 181 -10.00 15.94 12.18
C SER B 181 -9.68 17.04 13.18
N SER B 182 -9.40 16.65 14.41
CA SER B 182 -9.12 17.61 15.48
C SER B 182 -7.84 18.39 15.19
N LEU B 183 -6.82 17.72 14.64
CA LEU B 183 -5.57 18.38 14.28
C LEU B 183 -5.81 19.40 13.17
N LEU B 184 -6.69 19.07 12.23
CA LEU B 184 -6.94 19.92 11.07
C LEU B 184 -7.66 21.20 11.49
N GLN B 185 -8.37 21.15 12.62
CA GLN B 185 -8.99 22.35 13.17
C GLN B 185 -7.94 23.11 14.01
N ASP B 186 -7.12 22.38 14.79
CA ASP B 186 -6.08 22.98 15.60
C ASP B 186 -5.12 23.84 14.77
N VAL B 187 -4.75 23.36 13.58
CA VAL B 187 -3.71 23.99 12.77
C VAL B 187 -4.15 25.40 12.36
N LYS B 188 -5.48 25.63 12.28
CA LYS B 188 -5.99 26.93 11.83
C LYS B 188 -5.72 28.04 12.85
N LYS B 189 -5.37 27.66 14.09
CA LYS B 189 -5.00 28.62 15.11
C LYS B 189 -3.64 29.25 14.78
N HIS B 190 -2.78 28.53 14.04
CA HIS B 190 -1.47 29.06 13.68
C HIS B 190 -1.61 30.31 12.82
N GLN B 191 -2.44 30.23 11.78
CA GLN B 191 -2.75 31.40 10.96
C GLN B 191 -4.00 31.09 10.15
N SER B 192 -4.55 32.13 9.49
CA SER B 192 -5.65 31.97 8.57
C SER B 192 -5.13 31.57 7.20
N PHE B 193 -5.38 30.32 6.81
CA PHE B 193 -4.94 29.80 5.53
C PHE B 193 -5.98 30.18 4.47
N ASP B 194 -5.51 30.38 3.23
CA ASP B 194 -6.39 30.56 2.08
C ASP B 194 -6.91 29.22 1.57
N ARG B 195 -6.09 28.17 1.66
CA ARG B 195 -6.34 26.96 0.90
C ARG B 195 -5.58 25.80 1.51
N PHE B 196 -6.26 24.64 1.57
CA PHE B 196 -5.68 23.38 2.01
C PHE B 196 -5.47 22.47 0.81
N HIS B 197 -4.27 21.87 0.70
CA HIS B 197 -3.92 20.94 -0.36
C HIS B 197 -3.70 19.55 0.26
N PHE B 198 -4.56 18.58 -0.08
CA PHE B 198 -4.60 17.29 0.60
C PHE B 198 -3.90 16.21 -0.22
N PHE B 199 -2.92 15.55 0.43
CA PHE B 199 -2.21 14.41 -0.11
C PHE B 199 -2.34 13.22 0.84
N PHE B 200 -2.53 12.02 0.29
CA PHE B 200 -2.86 10.84 1.08
C PHE B 200 -1.88 9.70 0.86
N SER B 201 -1.44 9.09 1.98
CA SER B 201 -0.99 7.69 2.06
C SER B 201 -1.75 7.05 3.21
N CYS B 202 -2.97 6.58 2.94
CA CYS B 202 -4.00 6.53 3.97
C CYS B 202 -5.07 5.53 3.59
N PRO B 203 -5.52 4.65 4.52
CA PRO B 203 -6.64 3.75 4.26
C PRO B 203 -7.91 4.50 3.87
N VAL B 204 -8.68 3.88 2.98
CA VAL B 204 -9.90 4.47 2.41
C VAL B 204 -10.88 4.86 3.52
N PRO B 205 -11.18 4.00 4.52
CA PRO B 205 -12.15 4.37 5.55
C PRO B 205 -11.76 5.62 6.32
N ILE B 206 -10.45 5.75 6.60
CA ILE B 206 -9.97 6.93 7.29
C ILE B 206 -10.17 8.17 6.41
N ALA B 207 -9.82 8.07 5.13
CA ALA B 207 -9.95 9.21 4.22
C ALA B 207 -11.41 9.66 4.19
N PHE B 208 -12.34 8.72 4.12
CA PHE B 208 -13.76 9.04 4.07
C PHE B 208 -14.18 9.76 5.35
N MET B 209 -13.82 9.18 6.49
CA MET B 209 -14.25 9.71 7.77
C MET B 209 -13.64 11.09 8.02
N VAL B 210 -12.39 11.31 7.57
CA VAL B 210 -11.77 12.63 7.72
C VAL B 210 -12.50 13.65 6.85
N GLY B 211 -12.89 13.24 5.64
CA GLY B 211 -13.66 14.11 4.76
C GLY B 211 -14.99 14.51 5.38
N VAL B 212 -15.67 13.54 5.99
CA VAL B 212 -16.94 13.79 6.67
C VAL B 212 -16.75 14.90 7.70
N ALA B 213 -15.69 14.80 8.51
CA ALA B 213 -15.45 15.71 9.61
C ALA B 213 -15.00 17.09 9.10
N PHE B 214 -14.11 17.12 8.12
CA PHE B 214 -13.52 18.38 7.67
C PHE B 214 -14.57 19.20 6.92
N GLY B 215 -15.35 18.53 6.08
CA GLY B 215 -16.41 19.18 5.32
C GLY B 215 -15.88 20.12 4.24
N LEU B 216 -16.77 20.98 3.77
CA LEU B 216 -16.48 21.84 2.63
C LEU B 216 -16.47 23.29 3.09
N TYR B 217 -15.73 23.56 4.17
CA TYR B 217 -15.80 24.86 4.83
C TYR B 217 -14.68 25.76 4.32
N ASP B 218 -13.57 25.15 3.89
CA ASP B 218 -12.39 25.87 3.43
C ASP B 218 -12.17 25.59 1.96
N GLU B 219 -11.57 26.57 1.26
CA GLU B 219 -11.01 26.30 -0.04
C GLU B 219 -10.01 25.16 0.13
N LEU B 220 -10.20 24.11 -0.69
CA LEU B 220 -9.38 22.92 -0.64
C LEU B 220 -9.20 22.36 -2.03
N VAL B 221 -8.09 21.63 -2.21
CA VAL B 221 -7.81 20.87 -3.41
C VAL B 221 -7.40 19.47 -2.95
N VAL B 222 -7.92 18.45 -3.63
CA VAL B 222 -7.63 17.06 -3.34
C VAL B 222 -6.74 16.49 -4.44
N TYR B 223 -5.66 15.79 -4.04
CA TYR B 223 -4.67 15.29 -4.98
C TYR B 223 -4.64 13.76 -4.95
N ASN B 224 -4.30 13.19 -6.10
CA ASN B 224 -4.24 11.76 -6.29
C ASN B 224 -2.88 11.40 -6.86
N PHE B 225 -2.31 10.28 -6.35
CA PHE B 225 -1.07 9.74 -6.87
C PHE B 225 -1.35 8.58 -7.82
N SER B 226 -0.86 8.75 -9.06
CA SER B 226 -0.90 7.68 -10.04
C SER B 226 0.33 7.81 -10.92
N GLY B 227 1.49 7.40 -10.37
CA GLY B 227 2.78 7.62 -11.01
C GLY B 227 3.31 9.01 -10.73
N THR B 228 2.44 10.02 -10.84
CA THR B 228 2.70 11.37 -10.37
C THR B 228 1.45 11.88 -9.66
N TYR B 229 1.57 13.02 -8.96
CA TYR B 229 0.42 13.69 -8.35
C TYR B 229 -0.30 14.58 -9.36
N GLU B 230 -1.62 14.63 -9.25
CA GLU B 230 -2.45 15.55 -9.97
C GLU B 230 -3.62 15.95 -9.07
N PRO B 231 -4.12 17.20 -9.16
CA PRO B 231 -5.36 17.56 -8.49
C PRO B 231 -6.54 16.86 -9.15
N VAL B 232 -7.48 16.34 -8.36
CA VAL B 232 -8.61 15.60 -8.91
C VAL B 232 -9.96 16.17 -8.45
N LEU B 233 -9.98 16.96 -7.36
CA LEU B 233 -11.19 17.61 -6.89
C LEU B 233 -10.84 19.00 -6.36
N SER B 234 -11.65 19.98 -6.72
CA SER B 234 -11.50 21.34 -6.20
C SER B 234 -12.73 21.74 -5.39
N PHE B 235 -12.55 22.77 -4.58
CA PHE B 235 -13.63 23.34 -3.78
C PHE B 235 -14.81 23.71 -4.67
N LYS B 236 -14.52 24.33 -5.82
CA LYS B 236 -15.55 24.79 -6.74
C LYS B 236 -16.39 23.61 -7.21
N ASP B 237 -15.73 22.51 -7.62
CA ASP B 237 -16.44 21.33 -8.11
C ASP B 237 -17.33 20.76 -7.00
N LEU B 238 -16.78 20.65 -5.79
CA LEU B 238 -17.49 20.01 -4.71
C LEU B 238 -18.70 20.86 -4.28
N LYS B 239 -18.52 22.18 -4.24
CA LYS B 239 -19.62 23.10 -3.96
C LYS B 239 -20.75 22.89 -4.96
N GLU B 240 -20.40 22.73 -6.24
CA GLU B 240 -21.39 22.67 -7.30
C GLU B 240 -22.13 21.33 -7.34
N VAL B 241 -21.60 20.32 -6.63
CA VAL B 241 -22.28 19.04 -6.52
C VAL B 241 -23.63 19.21 -5.81
N LYS B 242 -23.71 20.17 -4.88
CA LYS B 242 -24.96 20.46 -4.16
C LYS B 242 -25.67 21.65 -4.81
P PO4 C . 11.10 -9.11 16.82
O1 PO4 C . 10.90 -10.33 15.90
O2 PO4 C . 11.78 -7.96 16.01
O3 PO4 C . 9.73 -8.62 17.32
O4 PO4 C . 11.99 -9.52 17.99
P PO4 D . -0.07 0.99 1.50
O1 PO4 D . -1.49 1.45 1.15
O2 PO4 D . 0.91 2.14 1.28
O3 PO4 D . -0.02 0.54 3.01
O4 PO4 D . 0.30 -0.20 0.59
#